data_4LUI
#
_entry.id   4LUI
#
_cell.length_a   47.880
_cell.length_b   49.783
_cell.length_c   168.604
_cell.angle_alpha   90.00
_cell.angle_beta   90.00
_cell.angle_gamma   90.00
#
_symmetry.space_group_name_H-M   'P 21 21 21'
#
loop_
_entity.id
_entity.type
_entity.pdbx_description
1 polymer "Orotidine 5'-phosphate decarboxylase"
2 non-polymer 'CHLORIDE ION'
3 water water
#
_entity_poly.entity_id   1
_entity_poly.type   'polypeptide(L)'
_entity_poly.pdbx_seq_one_letter_code
;MGSSHHHHHHSSGLVPRGSHMPKLMLALDVLDRDRALKIVEDVKDYVDAIKVGYPLVLSTGTEIIKEIKKLCNKEVIADF
KVADIPATNEKIAKITLKYADGIIVHGFVGEDSVKAVQDVAKKLNKKVIMVTEMSHPGAVQFLQPIADKLSEMAKKLKVD
AIVAPSTRPERLKEIKEIAELPVITPGVGAQGGKIEDILNILDENDYVIVGRAIYQSQNPKEEAKKYKEMLNK
;
_entity_poly.pdbx_strand_id   A,B
#
# COMPACT_ATOMS: atom_id res chain seq x y z
N GLY A 18 -18.40 25.04 -11.12
CA GLY A 18 -17.99 26.24 -10.40
C GLY A 18 -16.96 27.05 -11.17
N SER A 19 -16.82 28.32 -10.83
CA SER A 19 -15.92 29.21 -11.55
C SER A 19 -14.96 29.95 -10.62
N HIS A 20 -14.85 29.48 -9.39
CA HIS A 20 -13.89 30.05 -8.45
C HIS A 20 -12.60 29.24 -8.50
N MET A 21 -11.63 29.62 -7.66
CA MET A 21 -10.30 29.05 -7.73
C MET A 21 -10.22 27.73 -6.98
N PRO A 22 -9.51 26.75 -7.55
CA PRO A 22 -9.25 25.49 -6.85
C PRO A 22 -8.39 25.70 -5.61
N LYS A 23 -8.36 24.71 -4.73
CA LYS A 23 -7.52 24.75 -3.54
C LYS A 23 -6.09 24.34 -3.89
N LEU A 24 -5.13 24.71 -3.04
CA LEU A 24 -3.73 24.37 -3.26
C LEU A 24 -3.26 23.32 -2.28
N MET A 25 -2.80 22.19 -2.80
CA MET A 25 -2.31 21.09 -1.97
C MET A 25 -0.80 20.96 -2.13
N LEU A 26 -0.07 20.97 -1.02
CA LEU A 26 1.37 20.75 -1.06
C LEU A 26 1.68 19.27 -0.96
N ALA A 27 2.40 18.74 -1.95
CA ALA A 27 2.91 17.39 -1.84
C ALA A 27 4.23 17.46 -1.11
N LEU A 28 4.22 17.10 0.18
CA LEU A 28 5.38 17.30 1.04
C LEU A 28 6.31 16.10 0.92
N ASP A 29 6.96 16.00 -0.23
CA ASP A 29 7.74 14.83 -0.55
C ASP A 29 9.21 14.98 -0.17
N VAL A 30 9.43 15.05 1.14
CA VAL A 30 10.77 15.08 1.72
C VAL A 30 10.89 13.90 2.67
N LEU A 31 12.12 13.55 3.03
CA LEU A 31 12.36 12.40 3.90
C LEU A 31 12.62 12.80 5.34
N ASP A 32 13.22 13.97 5.53
CA ASP A 32 13.70 14.39 6.83
C ASP A 32 12.63 15.09 7.66
N ARG A 33 12.50 14.64 8.90
CA ARG A 33 11.47 15.13 9.81
C ARG A 33 11.59 16.63 10.06
N ASP A 34 12.80 17.08 10.42
CA ASP A 34 13.03 18.49 10.71
C ASP A 34 12.67 19.38 9.51
N ARG A 35 13.08 18.94 8.33
CA ARG A 35 12.87 19.72 7.12
C ARG A 35 11.38 19.82 6.80
N ALA A 36 10.70 18.68 6.89
CA ALA A 36 9.24 18.61 6.69
C ALA A 36 8.52 19.61 7.59
N LEU A 37 8.83 19.59 8.88
CA LEU A 37 8.19 20.50 9.81
C LEU A 37 8.52 21.96 9.53
N LYS A 38 9.75 22.24 9.08
CA LYS A 38 10.16 23.60 8.77
C LYS A 38 9.37 24.12 7.59
N ILE A 39 9.27 23.29 6.55
CA ILE A 39 8.52 23.66 5.35
C ILE A 39 7.05 23.94 5.68
N VAL A 40 6.45 23.05 6.45
CA VAL A 40 5.04 23.20 6.82
C VAL A 40 4.78 24.52 7.54
N GLU A 41 5.61 24.84 8.52
CA GLU A 41 5.45 26.09 9.24
C GLU A 41 5.57 27.29 8.31
N ASP A 42 6.47 27.17 7.33
CA ASP A 42 6.76 28.28 6.45
C ASP A 42 5.60 28.56 5.49
N VAL A 43 4.91 27.50 5.06
CA VAL A 43 3.90 27.62 4.01
C VAL A 43 2.45 27.57 4.51
N LYS A 44 2.26 27.40 5.82
CA LYS A 44 0.94 27.12 6.36
C LYS A 44 -0.16 28.12 5.99
N ASP A 45 0.19 29.38 5.80
CA ASP A 45 -0.82 30.40 5.52
C ASP A 45 -1.20 30.49 4.06
N TYR A 46 -0.55 29.72 3.21
CA TYR A 46 -0.79 29.83 1.76
C TYR A 46 -1.19 28.52 1.08
N VAL A 47 -1.21 27.43 1.83
CA VAL A 47 -1.67 26.15 1.30
C VAL A 47 -2.97 25.78 1.97
N ASP A 48 -3.81 25.01 1.29
CA ASP A 48 -5.08 24.60 1.86
C ASP A 48 -5.01 23.19 2.42
N ALA A 49 -4.04 22.41 1.92
CA ALA A 49 -3.88 21.02 2.34
C ALA A 49 -2.43 20.62 2.17
N ILE A 50 -2.01 19.62 2.93
CA ILE A 50 -0.67 19.07 2.83
C ILE A 50 -0.82 17.58 2.62
N LYS A 51 -0.20 17.05 1.58
CA LYS A 51 -0.24 15.60 1.30
C LYS A 51 1.05 14.96 1.76
N VAL A 52 0.95 13.91 2.57
CA VAL A 52 2.13 13.18 3.01
C VAL A 52 2.09 11.74 2.54
N GLY A 53 3.27 11.18 2.30
CA GLY A 53 3.35 9.83 1.75
C GLY A 53 4.13 8.90 2.66
N TYR A 54 4.20 7.63 2.28
CA TYR A 54 4.93 6.65 3.08
C TYR A 54 6.43 6.92 3.29
N PRO A 55 7.13 7.43 2.27
CA PRO A 55 8.56 7.63 2.54
C PRO A 55 8.83 8.55 3.74
N LEU A 56 8.06 9.63 3.87
CA LEU A 56 8.16 10.50 5.04
C LEU A 56 7.66 9.80 6.31
N VAL A 57 6.48 9.18 6.25
CA VAL A 57 5.86 8.62 7.46
C VAL A 57 6.56 7.37 7.99
N LEU A 58 7.12 6.55 7.11
CA LEU A 58 7.75 5.28 7.53
C LEU A 58 8.93 5.39 8.49
N SER A 59 9.66 6.49 8.41
CA SER A 59 10.84 6.69 9.24
C SER A 59 10.50 6.65 10.74
N THR A 60 9.47 7.38 11.15
CA THR A 60 9.16 7.54 12.57
C THR A 60 7.72 7.19 12.92
N GLY A 61 6.92 6.89 11.91
CA GLY A 61 5.53 6.52 12.16
C GLY A 61 4.64 7.75 12.17
N THR A 62 3.39 7.54 12.55
CA THR A 62 2.37 8.56 12.40
C THR A 62 2.51 9.79 13.31
N GLU A 63 3.46 9.78 14.24
CA GLU A 63 3.71 10.97 15.06
C GLU A 63 3.96 12.21 14.20
N ILE A 64 4.59 12.02 13.03
CA ILE A 64 4.88 13.15 12.16
C ILE A 64 3.59 13.79 11.62
N ILE A 65 2.54 12.99 11.41
CA ILE A 65 1.27 13.53 10.97
C ILE A 65 0.67 14.38 12.09
N LYS A 66 0.75 13.87 13.32
CA LYS A 66 0.26 14.64 14.46
C LYS A 66 0.96 16.00 14.54
N GLU A 67 2.29 16.01 14.39
CA GLU A 67 3.05 17.25 14.52
C GLU A 67 2.79 18.21 13.37
N ILE A 68 2.64 17.67 12.16
CA ILE A 68 2.34 18.48 10.98
C ILE A 68 0.99 19.14 11.14
N LYS A 69 -0.02 18.33 11.48
CA LYS A 69 -1.39 18.80 11.64
C LYS A 69 -1.43 19.92 12.69
N LYS A 70 -0.64 19.74 13.74
CA LYS A 70 -0.53 20.71 14.83
C LYS A 70 0.02 22.06 14.37
N LEU A 71 1.00 22.01 13.48
CA LEU A 71 1.69 23.23 13.03
C LEU A 71 0.92 24.03 12.00
N CYS A 72 0.31 23.35 11.02
CA CYS A 72 -0.37 24.08 9.95
C CYS A 72 -1.84 24.34 10.26
N ASN A 73 -2.45 23.42 11.00
CA ASN A 73 -3.90 23.44 11.25
C ASN A 73 -4.71 23.49 9.96
N LYS A 74 -4.19 22.84 8.92
CA LYS A 74 -4.86 22.68 7.64
C LYS A 74 -5.09 21.20 7.37
N GLU A 75 -5.76 20.91 6.26
CA GLU A 75 -6.11 19.55 5.88
C GLU A 75 -4.87 18.72 5.60
N VAL A 76 -4.73 17.57 6.27
CA VAL A 76 -3.62 16.68 6.01
C VAL A 76 -4.12 15.39 5.37
N ILE A 77 -3.65 15.11 4.17
CA ILE A 77 -4.06 13.93 3.42
C ILE A 77 -2.94 12.91 3.38
N ALA A 78 -3.25 11.66 3.71
CA ALA A 78 -2.23 10.61 3.70
C ALA A 78 -2.30 9.84 2.38
N ASP A 79 -1.26 10.00 1.56
CA ASP A 79 -1.24 9.40 0.23
C ASP A 79 -0.66 8.00 0.34
N PHE A 80 -1.48 7.06 0.83
CA PHE A 80 -0.98 5.74 1.21
C PHE A 80 -1.35 4.66 0.20
N LYS A 81 -2.07 5.06 -0.86
CA LYS A 81 -2.43 4.14 -1.95
C LYS A 81 -2.95 2.82 -1.40
N VAL A 82 -3.87 2.89 -0.43
CA VAL A 82 -4.30 1.70 0.30
C VAL A 82 -4.82 0.63 -0.68
N ALA A 83 -4.30 -0.59 -0.56
CA ALA A 83 -4.54 -1.60 -1.58
C ALA A 83 -4.54 -3.04 -1.04
N ASP A 84 -5.32 -3.27 0.02
CA ASP A 84 -5.34 -4.57 0.65
C ASP A 84 -6.76 -5.08 0.79
N ILE A 85 -6.92 -6.22 1.50
CA ILE A 85 -8.24 -6.78 1.79
C ILE A 85 -8.98 -5.86 2.76
N PRO A 86 -10.31 -5.99 2.84
CA PRO A 86 -11.06 -5.07 3.72
C PRO A 86 -10.53 -5.01 5.17
N ALA A 87 -10.27 -6.14 5.80
CA ALA A 87 -9.86 -6.13 7.21
C ALA A 87 -8.56 -5.36 7.43
N THR A 88 -7.62 -5.54 6.52
CA THR A 88 -6.35 -4.83 6.62
C THR A 88 -6.52 -3.34 6.28
N ASN A 89 -7.29 -3.06 5.23
CA ASN A 89 -7.63 -1.68 4.90
C ASN A 89 -8.25 -0.93 6.09
N GLU A 90 -9.16 -1.58 6.80
CA GLU A 90 -9.81 -0.97 7.93
C GLU A 90 -8.76 -0.59 8.98
N LYS A 91 -7.84 -1.50 9.24
CA LYS A 91 -6.80 -1.26 10.25
C LYS A 91 -5.90 -0.10 9.86
N ILE A 92 -5.48 -0.08 8.60
CA ILE A 92 -4.66 1.03 8.11
C ILE A 92 -5.44 2.35 8.21
N ALA A 93 -6.72 2.31 7.86
CA ALA A 93 -7.54 3.52 7.95
C ALA A 93 -7.64 4.05 9.38
N LYS A 94 -7.84 3.16 10.34
CA LYS A 94 -7.96 3.60 11.72
C LYS A 94 -6.70 4.31 12.22
N ILE A 95 -5.53 3.72 11.94
CA ILE A 95 -4.27 4.28 12.41
C ILE A 95 -3.94 5.58 11.70
N THR A 96 -4.23 5.60 10.40
CA THR A 96 -3.88 6.74 9.56
C THR A 96 -4.76 7.94 9.88
N LEU A 97 -6.05 7.70 10.04
CA LEU A 97 -7.01 8.80 10.24
C LEU A 97 -7.13 9.27 11.68
N LYS A 98 -6.29 8.74 12.57
CA LYS A 98 -6.23 9.30 13.90
C LYS A 98 -5.72 10.73 13.84
N TYR A 99 -4.71 10.96 13.00
CA TYR A 99 -4.15 12.30 12.87
C TYR A 99 -4.40 12.95 11.51
N ALA A 100 -4.47 12.13 10.46
CA ALA A 100 -4.77 12.66 9.12
C ALA A 100 -6.24 12.97 8.95
N ASP A 101 -6.56 13.83 7.98
CA ASP A 101 -7.93 14.23 7.74
C ASP A 101 -8.56 13.49 6.58
N GLY A 102 -7.72 12.82 5.80
CA GLY A 102 -8.18 12.05 4.66
C GLY A 102 -7.12 11.05 4.23
N ILE A 103 -7.52 10.09 3.41
CA ILE A 103 -6.62 9.00 3.03
C ILE A 103 -6.91 8.60 1.58
N ILE A 104 -5.83 8.32 0.84
CA ILE A 104 -5.93 7.98 -0.57
C ILE A 104 -5.87 6.47 -0.73
N VAL A 105 -6.84 5.92 -1.45
CA VAL A 105 -7.00 4.48 -1.60
C VAL A 105 -7.06 4.11 -3.08
N HIS A 106 -6.64 2.89 -3.41
CA HIS A 106 -6.82 2.37 -4.76
C HIS A 106 -8.23 1.80 -4.89
N GLY A 107 -8.86 2.01 -6.04
CA GLY A 107 -10.12 1.36 -6.33
C GLY A 107 -9.94 -0.01 -6.99
N PHE A 108 -8.77 -0.24 -7.58
CA PHE A 108 -8.55 -1.46 -8.37
C PHE A 108 -8.74 -2.74 -7.56
N VAL A 109 -8.45 -2.71 -6.27
N VAL A 109 -8.49 -2.66 -6.27
CA VAL A 109 -8.57 -3.94 -5.48
CA VAL A 109 -8.54 -3.82 -5.38
C VAL A 109 -10.02 -4.25 -5.10
C VAL A 109 -9.99 -4.23 -5.14
N GLY A 110 -10.93 -3.32 -5.39
CA GLY A 110 -12.34 -3.64 -5.29
C GLY A 110 -13.19 -2.79 -4.36
N GLU A 111 -14.50 -2.93 -4.51
CA GLU A 111 -15.49 -2.14 -3.77
C GLU A 111 -15.44 -2.34 -2.26
N ASP A 112 -15.37 -3.61 -1.82
CA ASP A 112 -15.33 -3.89 -0.39
C ASP A 112 -14.12 -3.28 0.30
N SER A 113 -12.97 -3.33 -0.36
CA SER A 113 -11.74 -2.74 0.17
C SER A 113 -11.88 -1.22 0.31
N VAL A 114 -12.52 -0.56 -0.65
CA VAL A 114 -12.74 0.87 -0.53
C VAL A 114 -13.75 1.17 0.58
N LYS A 115 -14.85 0.43 0.60
CA LYS A 115 -15.89 0.63 1.60
C LYS A 115 -15.37 0.43 3.03
N ALA A 116 -14.44 -0.49 3.23
CA ALA A 116 -13.85 -0.67 4.56
C ALA A 116 -13.18 0.61 5.07
N VAL A 117 -12.50 1.31 4.17
CA VAL A 117 -11.86 2.57 4.54
C VAL A 117 -12.93 3.65 4.75
N GLN A 118 -13.88 3.72 3.84
CA GLN A 118 -15.01 4.65 4.00
C GLN A 118 -15.73 4.51 5.33
N ASP A 119 -15.97 3.28 5.76
CA ASP A 119 -16.74 3.06 6.99
C ASP A 119 -15.99 3.61 8.20
N VAL A 120 -14.66 3.51 8.20
CA VAL A 120 -13.84 4.12 9.24
C VAL A 120 -13.92 5.65 9.13
N ALA A 121 -13.70 6.17 7.94
CA ALA A 121 -13.71 7.61 7.71
C ALA A 121 -15.03 8.28 8.09
N LYS A 122 -16.15 7.66 7.73
CA LYS A 122 -17.46 8.24 8.03
C LYS A 122 -17.69 8.46 9.52
N LYS A 123 -17.24 7.54 10.35
CA LYS A 123 -17.39 7.69 11.80
C LYS A 123 -16.59 8.88 12.33
N LEU A 124 -15.57 9.30 11.57
CA LEU A 124 -14.67 10.36 12.01
C LEU A 124 -14.90 11.68 11.28
N ASN A 125 -15.90 11.71 10.40
CA ASN A 125 -16.11 12.85 9.49
C ASN A 125 -14.84 13.17 8.73
N LYS A 126 -14.18 12.13 8.22
CA LYS A 126 -12.96 12.33 7.46
C LYS A 126 -13.10 11.81 6.03
N LYS A 127 -12.10 12.06 5.19
CA LYS A 127 -12.25 11.85 3.75
C LYS A 127 -11.59 10.60 3.20
N VAL A 128 -12.22 10.04 2.18
CA VAL A 128 -11.64 8.96 1.41
C VAL A 128 -11.53 9.44 -0.03
N ILE A 129 -10.34 9.28 -0.59
CA ILE A 129 -10.05 9.77 -1.94
C ILE A 129 -9.56 8.59 -2.75
N MET A 130 -10.15 8.39 -3.92
CA MET A 130 -9.82 7.21 -4.72
C MET A 130 -8.92 7.50 -5.91
N VAL A 131 -7.87 6.71 -6.08
CA VAL A 131 -7.11 6.75 -7.32
C VAL A 131 -7.89 6.07 -8.43
N THR A 132 -8.24 6.81 -9.47
CA THR A 132 -8.96 6.22 -10.60
C THR A 132 -8.10 6.12 -11.85
N GLU A 133 -7.01 6.89 -11.87
CA GLU A 133 -6.20 7.03 -13.06
C GLU A 133 -4.80 7.48 -12.63
N MET A 134 -3.77 6.94 -13.28
CA MET A 134 -2.38 7.31 -13.00
C MET A 134 -1.67 7.64 -14.32
N SER A 135 -0.53 8.31 -14.23
CA SER A 135 0.12 8.83 -15.43
C SER A 135 1.52 8.29 -15.74
N HIS A 136 2.01 7.35 -14.92
CA HIS A 136 3.30 6.73 -15.23
C HIS A 136 3.12 5.72 -16.38
N PRO A 137 4.20 5.41 -17.10
CA PRO A 137 4.09 4.48 -18.23
C PRO A 137 3.44 3.15 -17.85
N GLY A 138 3.71 2.64 -16.67
CA GLY A 138 3.12 1.39 -16.23
C GLY A 138 1.60 1.37 -16.13
N ALA A 139 0.98 2.54 -16.02
CA ALA A 139 -0.47 2.63 -15.85
C ALA A 139 -1.24 2.10 -17.06
N VAL A 140 -0.59 2.07 -18.23
N VAL A 140 -0.58 2.08 -18.22
CA VAL A 140 -1.29 1.67 -19.46
CA VAL A 140 -1.21 1.67 -19.47
C VAL A 140 -1.65 0.18 -19.50
C VAL A 140 -1.68 0.22 -19.42
N GLN A 141 -0.89 -0.63 -18.78
CA GLN A 141 -1.07 -2.07 -18.85
C GLN A 141 -2.39 -2.57 -18.25
N PHE A 142 -2.66 -2.20 -17.00
CA PHE A 142 -3.86 -2.68 -16.32
C PHE A 142 -4.80 -1.58 -15.83
N LEU A 143 -4.24 -0.44 -15.43
CA LEU A 143 -5.05 0.62 -14.86
C LEU A 143 -5.85 1.39 -15.91
N GLN A 144 -5.16 1.87 -16.93
CA GLN A 144 -5.82 2.73 -17.92
C GLN A 144 -7.02 2.07 -18.62
N PRO A 145 -6.93 0.77 -18.98
CA PRO A 145 -8.09 0.17 -19.65
C PRO A 145 -9.39 0.20 -18.84
N ILE A 146 -9.30 0.36 -17.52
CA ILE A 146 -10.50 0.39 -16.68
C ILE A 146 -10.69 1.73 -15.97
N ALA A 147 -10.03 2.78 -16.46
CA ALA A 147 -10.08 4.08 -15.81
C ALA A 147 -11.50 4.65 -15.71
N ASP A 148 -12.31 4.46 -16.75
CA ASP A 148 -13.68 4.95 -16.73
C ASP A 148 -14.50 4.18 -15.69
N LYS A 149 -14.26 2.88 -15.60
CA LYS A 149 -14.99 2.06 -14.65
C LYS A 149 -14.62 2.40 -13.21
N LEU A 150 -13.37 2.80 -13.01
CA LEU A 150 -12.94 3.24 -11.68
C LEU A 150 -13.58 4.57 -11.31
N SER A 151 -13.69 5.49 -12.29
CA SER A 151 -14.41 6.74 -12.06
C SER A 151 -15.87 6.47 -11.75
N GLU A 152 -16.46 5.51 -12.47
CA GLU A 152 -17.84 5.14 -12.20
C GLU A 152 -17.98 4.56 -10.78
N MET A 153 -17.00 3.79 -10.34
N MET A 153 -17.00 3.76 -10.37
CA MET A 153 -17.07 3.20 -9.01
CA MET A 153 -16.97 3.18 -9.02
C MET A 153 -16.89 4.25 -7.92
C MET A 153 -16.91 4.27 -7.96
N ALA A 154 -16.03 5.23 -8.18
CA ALA A 154 -15.88 6.38 -7.29
C ALA A 154 -17.23 7.10 -7.12
N LYS A 155 -17.93 7.31 -8.23
CA LYS A 155 -19.24 7.94 -8.17
C LYS A 155 -20.23 7.09 -7.37
N LYS A 156 -20.25 5.78 -7.65
CA LYS A 156 -21.19 4.86 -7.02
C LYS A 156 -20.99 4.84 -5.51
N LEU A 157 -19.73 4.79 -5.11
CA LEU A 157 -19.38 4.66 -3.69
C LEU A 157 -19.43 5.99 -2.97
N LYS A 158 -19.55 7.08 -3.73
CA LYS A 158 -19.59 8.43 -3.17
C LYS A 158 -18.35 8.72 -2.32
N VAL A 159 -17.17 8.42 -2.83
CA VAL A 159 -15.96 8.88 -2.18
C VAL A 159 -15.91 10.40 -2.24
N ASP A 160 -15.03 10.98 -1.45
CA ASP A 160 -14.98 12.42 -1.31
C ASP A 160 -14.32 13.12 -2.47
N ALA A 161 -13.34 12.47 -3.08
CA ALA A 161 -12.64 13.02 -4.23
C ALA A 161 -11.93 11.91 -4.96
N ILE A 162 -11.42 12.22 -6.15
CA ILE A 162 -10.58 11.27 -6.86
C ILE A 162 -9.23 11.90 -7.19
N VAL A 163 -8.23 11.02 -7.31
CA VAL A 163 -6.91 11.41 -7.75
C VAL A 163 -6.80 11.00 -9.20
N ALA A 164 -6.44 11.95 -10.06
CA ALA A 164 -6.31 11.68 -11.49
C ALA A 164 -5.32 12.67 -12.09
N PRO A 165 -4.65 12.28 -13.19
CA PRO A 165 -3.65 13.13 -13.84
C PRO A 165 -4.24 14.30 -14.62
N SER A 166 -3.40 15.30 -14.87
CA SER A 166 -3.79 16.48 -15.62
C SER A 166 -2.98 16.60 -16.90
N THR A 167 -2.34 15.50 -17.29
CA THR A 167 -1.53 15.48 -18.52
C THR A 167 -2.31 15.98 -19.73
N ARG A 168 -3.52 15.49 -19.90
CA ARG A 168 -4.41 16.01 -20.93
C ARG A 168 -5.64 16.63 -20.29
N PRO A 169 -5.73 17.97 -20.35
CA PRO A 169 -6.87 18.72 -19.81
C PRO A 169 -8.22 18.18 -20.29
N GLU A 170 -8.30 17.78 -21.56
CA GLU A 170 -9.54 17.23 -22.11
C GLU A 170 -9.94 15.95 -21.37
N ARG A 171 -8.95 15.13 -21.04
CA ARG A 171 -9.20 13.88 -20.34
C ARG A 171 -9.66 14.15 -18.91
N LEU A 172 -9.03 15.14 -18.27
CA LEU A 172 -9.40 15.53 -16.91
C LEU A 172 -10.87 15.96 -16.89
N LYS A 173 -11.28 16.67 -17.93
CA LYS A 173 -12.67 17.07 -18.07
C LYS A 173 -13.58 15.84 -18.21
N GLU A 174 -13.18 14.88 -19.02
CA GLU A 174 -13.95 13.64 -19.17
C GLU A 174 -14.11 12.91 -17.83
N ILE A 175 -13.02 12.84 -17.06
CA ILE A 175 -13.03 12.19 -15.76
C ILE A 175 -14.03 12.87 -14.84
N LYS A 176 -14.00 14.20 -14.81
CA LYS A 176 -14.93 14.98 -13.99
C LYS A 176 -16.39 14.77 -14.38
N GLU A 177 -16.64 14.62 -15.68
CA GLU A 177 -18.00 14.41 -16.15
C GLU A 177 -18.53 13.03 -15.81
N ILE A 178 -17.65 12.04 -15.78
CA ILE A 178 -18.03 10.68 -15.39
C ILE A 178 -18.28 10.58 -13.89
N ALA A 179 -17.32 11.03 -13.10
CA ALA A 179 -17.35 10.84 -11.66
C ALA A 179 -18.25 11.86 -10.95
N GLU A 180 -18.29 13.08 -11.50
CA GLU A 180 -19.02 14.20 -10.89
C GLU A 180 -18.59 14.41 -9.44
N LEU A 181 -17.28 14.24 -9.23
CA LEU A 181 -16.64 14.37 -7.93
C LEU A 181 -15.49 15.37 -8.05
N PRO A 182 -15.08 15.96 -6.91
CA PRO A 182 -13.87 16.79 -6.91
C PRO A 182 -12.64 15.97 -7.30
N VAL A 183 -11.69 16.63 -7.94
CA VAL A 183 -10.45 15.99 -8.32
C VAL A 183 -9.27 16.65 -7.64
N ILE A 184 -8.28 15.81 -7.34
CA ILE A 184 -7.00 16.27 -6.85
C ILE A 184 -6.01 15.91 -7.95
N THR A 185 -5.38 16.93 -8.51
CA THR A 185 -4.59 16.75 -9.73
C THR A 185 -3.35 17.62 -9.74
N PRO A 186 -2.25 17.13 -10.34
CA PRO A 186 -1.01 17.91 -10.40
C PRO A 186 -1.16 19.20 -11.18
N GLY A 187 -0.50 20.26 -10.71
CA GLY A 187 -0.44 21.51 -11.46
C GLY A 187 0.28 21.33 -12.78
N ASP A 197 -4.20 26.65 -17.92
CA ASP A 197 -4.67 25.72 -18.94
C ASP A 197 -5.44 24.53 -18.36
N ILE A 198 -5.02 24.08 -17.17
CA ILE A 198 -5.71 23.04 -16.44
C ILE A 198 -6.81 23.67 -15.59
N LEU A 199 -6.55 24.90 -15.15
CA LEU A 199 -7.45 25.64 -14.26
C LEU A 199 -8.85 25.86 -14.79
N ASN A 200 -9.00 25.95 -16.11
CA ASN A 200 -10.32 26.21 -16.71
C ASN A 200 -11.28 25.06 -16.47
N ILE A 201 -10.72 23.89 -16.18
CA ILE A 201 -11.48 22.67 -15.99
C ILE A 201 -11.79 22.48 -14.50
N LEU A 202 -11.06 23.19 -13.65
CA LEU A 202 -11.20 23.03 -12.21
C LEU A 202 -12.05 24.12 -11.57
N ASP A 203 -12.60 23.81 -10.40
CA ASP A 203 -13.30 24.81 -9.60
C ASP A 203 -12.90 24.77 -8.12
N GLU A 204 -13.66 25.48 -7.30
CA GLU A 204 -13.37 25.63 -5.87
C GLU A 204 -13.34 24.33 -5.07
N ASN A 205 -13.91 23.26 -5.61
CA ASN A 205 -13.95 21.98 -4.92
C ASN A 205 -12.74 21.11 -5.23
N ASP A 206 -12.00 21.49 -6.27
CA ASP A 206 -10.83 20.72 -6.70
C ASP A 206 -9.57 21.20 -5.99
N TYR A 207 -8.52 20.36 -6.05
CA TYR A 207 -7.20 20.73 -5.55
C TYR A 207 -6.18 20.62 -6.67
N VAL A 208 -5.31 21.62 -6.78
CA VAL A 208 -4.09 21.49 -7.57
C VAL A 208 -2.92 21.11 -6.66
N ILE A 209 -2.19 20.05 -7.02
CA ILE A 209 -1.05 19.61 -6.21
C ILE A 209 0.23 20.24 -6.73
N VAL A 210 1.00 20.84 -5.83
CA VAL A 210 2.31 21.35 -6.17
C VAL A 210 3.31 20.72 -5.20
N GLY A 211 4.49 20.34 -5.70
CA GLY A 211 5.45 19.68 -4.85
C GLY A 211 6.80 20.38 -4.78
N ARG A 212 7.76 19.85 -5.54
CA ARG A 212 9.15 20.28 -5.50
C ARG A 212 9.35 21.78 -5.70
N ALA A 213 8.54 22.39 -6.55
CA ALA A 213 8.66 23.83 -6.81
C ALA A 213 8.53 24.62 -5.51
N ILE A 214 7.73 24.11 -4.59
CA ILE A 214 7.62 24.73 -3.27
C ILE A 214 8.63 24.18 -2.27
N TYR A 215 8.63 22.87 -2.03
CA TYR A 215 9.47 22.32 -0.97
C TYR A 215 10.98 22.40 -1.22
N GLN A 216 11.38 22.55 -2.48
CA GLN A 216 12.80 22.64 -2.80
C GLN A 216 13.25 24.09 -2.98
N SER A 217 12.30 25.02 -2.83
CA SER A 217 12.63 26.44 -2.99
C SER A 217 13.50 26.98 -1.87
N GLN A 218 14.24 28.05 -2.16
CA GLN A 218 14.97 28.77 -1.13
C GLN A 218 13.99 29.49 -0.21
N ASN A 219 12.82 29.82 -0.76
CA ASN A 219 11.78 30.50 0.03
C ASN A 219 10.42 29.88 -0.24
N PRO A 220 10.14 28.72 0.38
CA PRO A 220 8.89 27.99 0.19
C PRO A 220 7.66 28.89 0.43
N LYS A 221 7.69 29.71 1.46
CA LYS A 221 6.56 30.59 1.75
C LYS A 221 6.24 31.49 0.55
N GLU A 222 7.28 32.09 0.00
CA GLU A 222 7.16 32.94 -1.19
C GLU A 222 6.58 32.15 -2.36
N GLU A 223 7.10 30.95 -2.60
CA GLU A 223 6.61 30.12 -3.70
C GLU A 223 5.16 29.70 -3.52
N ALA A 224 4.80 29.34 -2.30
CA ALA A 224 3.44 28.92 -2.01
C ALA A 224 2.47 30.07 -2.25
N LYS A 225 2.84 31.25 -1.78
CA LYS A 225 2.02 32.44 -1.99
C LYS A 225 1.81 32.68 -3.47
N LYS A 226 2.87 32.53 -4.26
CA LYS A 226 2.81 32.76 -5.70
C LYS A 226 1.85 31.80 -6.39
N TYR A 227 1.98 30.51 -6.08
CA TYR A 227 1.09 29.49 -6.62
C TYR A 227 -0.35 29.74 -6.19
N LYS A 228 -0.54 30.14 -4.94
CA LYS A 228 -1.87 30.48 -4.41
C LYS A 228 -2.50 31.63 -5.18
N GLU A 229 -1.66 32.54 -5.65
CA GLU A 229 -2.13 33.67 -6.44
C GLU A 229 -2.51 33.27 -7.87
N MET A 230 -1.91 32.20 -8.39
CA MET A 230 -2.28 31.71 -9.70
C MET A 230 -3.69 31.15 -9.64
N SER B 19 11.24 -33.16 3.49
CA SER B 19 11.96 -33.12 2.22
C SER B 19 11.52 -31.92 1.38
N HIS B 20 10.35 -32.02 0.76
CA HIS B 20 9.82 -30.92 -0.04
C HIS B 20 8.74 -30.13 0.71
N MET B 21 8.97 -29.93 2.01
CA MET B 21 8.02 -29.22 2.86
C MET B 21 8.18 -27.72 2.72
N PRO B 22 7.07 -26.98 2.55
CA PRO B 22 7.22 -25.52 2.45
C PRO B 22 7.69 -24.88 3.75
N LYS B 23 8.20 -23.65 3.63
CA LYS B 23 8.60 -22.86 4.77
C LYS B 23 7.35 -22.30 5.48
N LEU B 24 7.47 -22.06 6.78
CA LEU B 24 6.36 -21.50 7.53
C LEU B 24 6.58 -20.00 7.76
N MET B 25 5.63 -19.20 7.28
CA MET B 25 5.71 -17.74 7.41
C MET B 25 4.63 -17.28 8.35
N LEU B 26 5.03 -16.59 9.42
CA LEU B 26 4.06 -16.04 10.36
C LEU B 26 3.57 -14.67 9.90
N ALA B 27 2.27 -14.51 9.74
CA ALA B 27 1.69 -13.18 9.49
C ALA B 27 1.49 -12.51 10.85
N LEU B 28 2.40 -11.60 11.19
CA LEU B 28 2.44 -11.06 12.54
C LEU B 28 1.55 -9.84 12.62
N ASP B 29 0.25 -10.07 12.53
CA ASP B 29 -0.70 -8.97 12.40
C ASP B 29 -1.24 -8.54 13.76
N VAL B 30 -0.36 -7.98 14.58
CA VAL B 30 -0.76 -7.37 15.84
C VAL B 30 -0.45 -5.88 15.73
N LEU B 31 -1.06 -5.06 16.59
CA LEU B 31 -0.86 -3.62 16.52
C LEU B 31 0.20 -3.14 17.50
N ASP B 32 0.35 -3.87 18.59
CA ASP B 32 1.21 -3.45 19.69
C ASP B 32 2.63 -4.00 19.54
N ARG B 33 3.61 -3.12 19.64
CA ARG B 33 4.98 -3.54 19.34
C ARG B 33 5.54 -4.49 20.41
N ASP B 34 5.16 -4.30 21.67
CA ASP B 34 5.57 -5.20 22.76
C ASP B 34 5.05 -6.60 22.49
N ARG B 35 3.78 -6.69 22.13
CA ARG B 35 3.17 -7.98 21.82
C ARG B 35 3.88 -8.63 20.64
N ALA B 36 4.17 -7.84 19.61
CA ALA B 36 4.85 -8.34 18.43
C ALA B 36 6.21 -8.91 18.82
N LEU B 37 6.92 -8.21 19.67
CA LEU B 37 8.26 -8.65 20.05
C LEU B 37 8.21 -9.90 20.91
N LYS B 38 7.19 -9.98 21.77
CA LYS B 38 7.01 -11.16 22.62
C LYS B 38 6.77 -12.40 21.76
N ILE B 39 5.93 -12.25 20.74
CA ILE B 39 5.59 -13.37 19.89
C ILE B 39 6.78 -13.84 19.08
N VAL B 40 7.50 -12.89 18.49
CA VAL B 40 8.69 -13.23 17.70
C VAL B 40 9.70 -14.05 18.51
N GLU B 41 10.01 -13.59 19.72
CA GLU B 41 10.93 -14.30 20.58
C GLU B 41 10.43 -15.72 20.86
N ASP B 42 9.11 -15.85 21.00
CA ASP B 42 8.51 -17.12 21.40
C ASP B 42 8.49 -18.14 20.25
N VAL B 43 8.31 -17.67 19.01
CA VAL B 43 8.11 -18.57 17.86
C VAL B 43 9.35 -18.76 16.97
N LYS B 44 10.43 -18.06 17.28
CA LYS B 44 11.58 -17.97 16.36
C LYS B 44 12.19 -19.32 15.93
N ASP B 45 12.07 -20.34 16.78
CA ASP B 45 12.66 -21.64 16.48
C ASP B 45 11.79 -22.50 15.56
N TYR B 46 10.56 -22.07 15.29
CA TYR B 46 9.64 -22.87 14.50
C TYR B 46 9.21 -22.21 13.19
N VAL B 47 9.30 -20.89 13.12
CA VAL B 47 8.92 -20.19 11.91
C VAL B 47 10.14 -19.95 11.05
N ASP B 48 9.95 -19.87 9.74
CA ASP B 48 11.05 -19.65 8.82
C ASP B 48 11.09 -18.20 8.37
N ALA B 49 9.95 -17.51 8.47
CA ALA B 49 9.85 -16.12 8.05
C ALA B 49 8.80 -15.39 8.86
N ILE B 50 8.95 -14.08 8.96
CA ILE B 50 7.96 -13.24 9.64
C ILE B 50 7.51 -12.15 8.67
N LYS B 51 6.19 -12.03 8.49
CA LYS B 51 5.61 -11.03 7.60
C LYS B 51 4.95 -9.93 8.43
N VAL B 52 5.34 -8.69 8.18
CA VAL B 52 4.78 -7.57 8.92
C VAL B 52 4.10 -6.61 7.95
N GLY B 53 3.02 -5.99 8.40
CA GLY B 53 2.28 -5.08 7.54
C GLY B 53 2.25 -3.67 8.09
N TYR B 54 1.56 -2.78 7.36
CA TYR B 54 1.44 -1.39 7.78
C TYR B 54 0.77 -1.12 9.13
N PRO B 55 -0.28 -1.87 9.50
CA PRO B 55 -0.88 -1.52 10.80
C PRO B 55 0.12 -1.59 11.96
N LEU B 56 0.97 -2.60 11.94
CA LEU B 56 2.01 -2.69 12.97
C LEU B 56 3.07 -1.62 12.78
N VAL B 57 3.57 -1.50 11.57
CA VAL B 57 4.70 -0.62 11.29
C VAL B 57 4.37 0.88 11.39
N LEU B 58 3.15 1.25 11.01
CA LEU B 58 2.75 2.67 11.02
C LEU B 58 2.80 3.39 12.36
N SER B 59 2.59 2.64 13.43
N SER B 59 2.58 2.65 13.43
CA SER B 59 2.55 3.21 14.77
CA SER B 59 2.56 3.22 14.77
C SER B 59 3.88 3.86 15.19
C SER B 59 3.89 3.87 15.17
N THR B 60 4.99 3.13 14.98
CA THR B 60 6.30 3.61 15.40
C THR B 60 7.34 3.72 14.29
N GLY B 61 6.98 3.29 13.08
CA GLY B 61 7.91 3.32 11.98
C GLY B 61 8.75 2.05 11.89
N THR B 62 9.71 2.06 10.96
CA THR B 62 10.48 0.87 10.64
C THR B 62 11.40 0.38 11.76
N GLU B 63 11.53 1.15 12.85
CA GLU B 63 12.31 0.68 14.00
C GLU B 63 11.87 -0.72 14.43
N ILE B 64 10.58 -1.03 14.31
CA ILE B 64 10.08 -2.32 14.75
C ILE B 64 10.62 -3.46 13.89
N ILE B 65 10.83 -3.21 12.60
CA ILE B 65 11.44 -4.20 11.72
C ILE B 65 12.88 -4.49 12.13
N LYS B 66 13.61 -3.42 12.43
CA LYS B 66 14.98 -3.51 12.95
C LYS B 66 15.02 -4.35 14.22
N GLU B 67 14.08 -4.09 15.13
CA GLU B 67 14.07 -4.78 16.42
C GLU B 67 13.72 -6.24 16.25
N ILE B 68 12.78 -6.53 15.35
CA ILE B 68 12.40 -7.90 15.05
C ILE B 68 13.61 -8.65 14.52
N LYS B 69 14.47 -7.93 13.79
CA LYS B 69 15.72 -8.49 13.26
C LYS B 69 16.81 -8.69 14.33
N LYS B 70 16.84 -7.86 15.35
CA LYS B 70 17.79 -8.07 16.44
C LYS B 70 17.45 -9.36 17.18
N LEU B 71 16.25 -9.90 16.92
CA LEU B 71 15.66 -10.91 17.79
C LEU B 71 15.65 -12.35 17.26
N CYS B 72 15.28 -12.56 16.01
CA CYS B 72 14.96 -13.93 15.56
C CYS B 72 15.91 -14.53 14.52
N ASN B 73 16.69 -13.68 13.86
CA ASN B 73 17.61 -14.11 12.81
C ASN B 73 16.92 -14.86 11.66
N LYS B 74 15.64 -14.59 11.46
CA LYS B 74 14.90 -15.18 10.36
C LYS B 74 14.46 -14.08 9.40
N GLU B 75 14.05 -14.50 8.22
CA GLU B 75 13.66 -13.61 7.13
C GLU B 75 12.46 -12.75 7.50
N VAL B 76 12.56 -11.43 7.31
CA VAL B 76 11.43 -10.54 7.59
C VAL B 76 10.93 -9.91 6.30
N ILE B 77 9.65 -10.11 6.01
CA ILE B 77 9.04 -9.64 4.76
C ILE B 77 8.04 -8.54 5.06
N ALA B 78 8.15 -7.41 4.36
CA ALA B 78 7.22 -6.30 4.58
C ALA B 78 6.06 -6.35 3.60
N ASP B 79 4.88 -6.63 4.12
CA ASP B 79 3.70 -6.78 3.28
C ASP B 79 3.07 -5.40 3.12
N PHE B 80 3.66 -4.59 2.24
CA PHE B 80 3.31 -3.19 2.12
C PHE B 80 2.50 -2.89 0.85
N LYS B 81 2.21 -3.94 0.09
CA LYS B 81 1.34 -3.83 -1.09
C LYS B 81 1.70 -2.61 -1.96
N VAL B 82 2.99 -2.44 -2.23
CA VAL B 82 3.49 -1.21 -2.84
C VAL B 82 2.79 -0.98 -4.18
N ALA B 83 2.26 0.22 -4.37
CA ALA B 83 1.36 0.45 -5.48
C ALA B 83 1.38 1.91 -5.92
N ASP B 84 2.58 2.44 -6.15
CA ASP B 84 2.74 3.82 -6.60
C ASP B 84 3.55 3.92 -7.90
N ILE B 85 3.84 5.16 -8.29
CA ILE B 85 4.67 5.41 -9.48
C ILE B 85 6.11 4.99 -9.19
N PRO B 86 6.91 4.78 -10.25
CA PRO B 86 8.28 4.31 -10.00
C PRO B 86 9.08 5.12 -8.97
N ALA B 87 9.08 6.45 -9.05
CA ALA B 87 9.87 7.27 -8.13
C ALA B 87 9.49 7.04 -6.67
N THR B 88 8.19 6.98 -6.40
CA THR B 88 7.75 6.77 -5.04
C THR B 88 7.99 5.34 -4.58
N ASN B 89 7.75 4.37 -5.46
CA ASN B 89 8.04 2.97 -5.16
C ASN B 89 9.50 2.79 -4.76
N GLU B 90 10.39 3.47 -5.48
CA GLU B 90 11.82 3.38 -5.18
C GLU B 90 12.12 3.87 -3.76
N LYS B 91 11.53 5.01 -3.38
CA LYS B 91 11.74 5.58 -2.06
C LYS B 91 11.20 4.68 -0.96
N ILE B 92 9.99 4.14 -1.16
CA ILE B 92 9.41 3.19 -0.22
C ILE B 92 10.30 1.94 -0.08
N ALA B 93 10.78 1.43 -1.21
CA ALA B 93 11.66 0.26 -1.20
C ALA B 93 12.94 0.50 -0.42
N LYS B 94 13.56 1.65 -0.63
CA LYS B 94 14.82 1.95 0.07
C LYS B 94 14.62 1.96 1.59
N ILE B 95 13.60 2.66 2.05
CA ILE B 95 13.42 2.76 3.51
C ILE B 95 13.00 1.42 4.10
N THR B 96 12.20 0.66 3.35
CA THR B 96 11.65 -0.60 3.84
C THR B 96 12.72 -1.68 3.90
N LEU B 97 13.54 -1.74 2.86
CA LEU B 97 14.55 -2.79 2.76
C LEU B 97 15.82 -2.48 3.54
N LYS B 98 15.86 -1.33 4.21
CA LYS B 98 16.94 -1.05 5.14
C LYS B 98 17.02 -2.13 6.22
N TYR B 99 15.85 -2.54 6.73
CA TYR B 99 15.78 -3.56 7.78
C TYR B 99 15.07 -4.84 7.36
N ALA B 100 14.09 -4.74 6.47
CA ALA B 100 13.40 -5.93 5.98
C ALA B 100 14.25 -6.68 4.95
N ASP B 101 13.95 -7.96 4.76
CA ASP B 101 14.68 -8.79 3.82
C ASP B 101 13.95 -8.91 2.50
N GLY B 102 12.68 -8.52 2.48
CA GLY B 102 11.90 -8.60 1.27
C GLY B 102 10.70 -7.67 1.40
N ILE B 103 10.12 -7.34 0.25
CA ILE B 103 8.99 -6.43 0.23
C ILE B 103 7.94 -6.93 -0.79
N ILE B 104 6.67 -6.80 -0.42
CA ILE B 104 5.57 -7.25 -1.27
C ILE B 104 4.99 -6.07 -2.04
N VAL B 105 4.90 -6.22 -3.37
CA VAL B 105 4.43 -5.17 -4.26
C VAL B 105 3.22 -5.65 -5.09
N HIS B 106 2.37 -4.71 -5.50
CA HIS B 106 1.33 -5.01 -6.48
C HIS B 106 1.92 -4.97 -7.88
N GLY B 107 1.50 -5.90 -8.72
CA GLY B 107 1.83 -5.84 -10.13
C GLY B 107 0.85 -5.01 -10.92
N PHE B 108 -0.34 -4.74 -10.37
CA PHE B 108 -1.38 -4.07 -11.18
C PHE B 108 -1.01 -2.67 -11.63
N VAL B 109 -0.07 -2.03 -10.92
CA VAL B 109 0.36 -0.69 -11.28
C VAL B 109 1.39 -0.68 -12.43
N GLY B 110 1.80 -1.86 -12.88
CA GLY B 110 2.57 -1.95 -14.11
C GLY B 110 4.01 -2.36 -13.90
N GLU B 111 4.68 -2.67 -15.01
CA GLU B 111 6.05 -3.17 -14.97
C GLU B 111 7.05 -2.20 -14.37
N ASP B 112 6.97 -0.94 -14.77
CA ASP B 112 7.98 0.02 -14.35
C ASP B 112 7.97 0.22 -12.84
N SER B 113 6.78 0.21 -12.25
CA SER B 113 6.66 0.36 -10.80
C SER B 113 7.28 -0.83 -10.07
N VAL B 114 7.08 -2.02 -10.61
CA VAL B 114 7.68 -3.21 -10.01
C VAL B 114 9.21 -3.19 -10.15
N LYS B 115 9.68 -2.88 -11.36
CA LYS B 115 11.11 -2.76 -11.65
C LYS B 115 11.82 -1.78 -10.71
N ALA B 116 11.15 -0.67 -10.40
CA ALA B 116 11.72 0.32 -9.48
C ALA B 116 12.06 -0.29 -8.13
N VAL B 117 11.16 -1.12 -7.62
CA VAL B 117 11.41 -1.82 -6.37
C VAL B 117 12.53 -2.88 -6.55
N GLN B 118 12.46 -3.63 -7.64
CA GLN B 118 13.50 -4.63 -7.94
C GLN B 118 14.90 -4.04 -8.00
N ASP B 119 15.02 -2.88 -8.63
CA ASP B 119 16.32 -2.25 -8.79
C ASP B 119 16.95 -1.93 -7.43
N VAL B 120 16.13 -1.52 -6.48
CA VAL B 120 16.61 -1.26 -5.12
C VAL B 120 16.99 -2.57 -4.45
N ALA B 121 16.11 -3.55 -4.55
CA ALA B 121 16.29 -4.85 -3.89
C ALA B 121 17.54 -5.57 -4.38
N LYS B 122 17.80 -5.48 -5.69
CA LYS B 122 18.94 -6.17 -6.29
C LYS B 122 20.27 -5.71 -5.70
N LYS B 123 20.39 -4.40 -5.52
CA LYS B 123 21.61 -3.85 -4.97
C LYS B 123 21.84 -4.30 -3.53
N LEU B 124 20.76 -4.66 -2.84
CA LEU B 124 20.83 -5.05 -1.45
C LEU B 124 20.81 -6.57 -1.25
N ASN B 125 20.74 -7.31 -2.35
CA ASN B 125 20.53 -8.75 -2.33
C ASN B 125 19.30 -9.12 -1.50
N LYS B 126 18.21 -8.39 -1.74
CA LYS B 126 16.97 -8.63 -1.04
C LYS B 126 15.85 -8.93 -2.03
N LYS B 127 14.69 -9.32 -1.52
CA LYS B 127 13.63 -9.90 -2.34
C LYS B 127 12.48 -8.96 -2.67
N VAL B 128 11.96 -9.13 -3.88
CA VAL B 128 10.70 -8.50 -4.29
C VAL B 128 9.67 -9.60 -4.59
N ILE B 129 8.48 -9.43 -4.02
CA ILE B 129 7.45 -10.46 -4.09
C ILE B 129 6.21 -9.78 -4.67
N MET B 130 5.63 -10.34 -5.72
CA MET B 130 4.49 -9.68 -6.36
C MET B 130 3.16 -10.33 -5.99
N VAL B 131 2.17 -9.52 -5.60
CA VAL B 131 0.82 -10.02 -5.47
C VAL B 131 0.24 -10.25 -6.85
N THR B 132 -0.12 -11.48 -7.17
CA THR B 132 -0.73 -11.77 -8.47
C THR B 132 -2.22 -12.06 -8.36
N GLU B 133 -2.70 -12.35 -7.16
CA GLU B 133 -4.06 -12.84 -6.99
C GLU B 133 -4.47 -12.70 -5.52
N MET B 134 -5.71 -12.29 -5.28
CA MET B 134 -6.20 -12.02 -3.94
C MET B 134 -7.55 -12.72 -3.74
N SER B 135 -7.93 -12.92 -2.49
CA SER B 135 -9.08 -13.78 -2.21
C SER B 135 -10.27 -13.09 -1.58
N HIS B 136 -10.18 -11.78 -1.35
CA HIS B 136 -11.35 -11.06 -0.85
C HIS B 136 -12.39 -10.90 -1.97
N PRO B 137 -13.68 -10.75 -1.62
CA PRO B 137 -14.72 -10.66 -2.63
C PRO B 137 -14.48 -9.60 -3.72
N GLY B 138 -13.96 -8.45 -3.33
CA GLY B 138 -13.76 -7.34 -4.26
C GLY B 138 -12.72 -7.63 -5.35
N ALA B 139 -11.84 -8.61 -5.10
CA ALA B 139 -10.84 -8.99 -6.09
C ALA B 139 -11.47 -9.46 -7.39
N VAL B 140 -12.72 -9.92 -7.33
CA VAL B 140 -13.36 -10.49 -8.51
C VAL B 140 -13.55 -9.48 -9.67
N GLN B 141 -13.65 -8.19 -9.33
CA GLN B 141 -14.04 -7.20 -10.32
C GLN B 141 -12.94 -6.84 -11.32
N PHE B 142 -11.77 -6.46 -10.82
CA PHE B 142 -10.67 -6.01 -11.67
C PHE B 142 -9.40 -6.83 -11.54
N LEU B 143 -9.09 -7.29 -10.33
CA LEU B 143 -7.87 -8.06 -10.11
C LEU B 143 -7.96 -9.47 -10.70
N GLN B 144 -9.00 -10.20 -10.35
CA GLN B 144 -9.09 -11.58 -10.80
C GLN B 144 -9.04 -11.78 -12.34
N PRO B 145 -9.74 -10.92 -13.12
CA PRO B 145 -9.67 -11.10 -14.57
C PRO B 145 -8.24 -11.07 -15.13
N ILE B 146 -7.31 -10.41 -14.43
CA ILE B 146 -5.93 -10.33 -14.91
C ILE B 146 -4.95 -11.19 -14.10
N ALA B 147 -5.48 -12.14 -13.34
CA ALA B 147 -4.62 -12.94 -12.46
C ALA B 147 -3.53 -13.70 -13.24
N ASP B 148 -3.88 -14.21 -14.43
CA ASP B 148 -2.88 -14.93 -15.23
C ASP B 148 -1.88 -13.96 -15.85
N LYS B 149 -2.36 -12.78 -16.23
CA LYS B 149 -1.47 -11.76 -16.79
C LYS B 149 -0.44 -11.34 -15.75
N LEU B 150 -0.86 -11.28 -14.49
CA LEU B 150 0.04 -10.89 -13.42
C LEU B 150 1.09 -11.95 -13.13
N SER B 151 0.70 -13.21 -13.14
N SER B 151 0.71 -13.21 -13.14
CA SER B 151 1.64 -14.31 -12.96
CA SER B 151 1.69 -14.27 -12.93
C SER B 151 2.66 -14.31 -14.09
C SER B 151 2.66 -14.35 -14.11
N GLU B 152 2.18 -14.06 -15.31
CA GLU B 152 3.08 -14.00 -16.47
C GLU B 152 4.06 -12.84 -16.31
N MET B 153 3.60 -11.72 -15.75
N MET B 153 3.57 -11.71 -15.77
CA MET B 153 4.51 -10.59 -15.57
CA MET B 153 4.42 -10.55 -15.50
C MET B 153 5.53 -10.87 -14.48
C MET B 153 5.51 -10.90 -14.50
N ALA B 154 5.10 -11.58 -13.43
CA ALA B 154 6.02 -11.98 -12.36
C ALA B 154 7.15 -12.86 -12.95
N LYS B 155 6.78 -13.77 -13.85
CA LYS B 155 7.78 -14.62 -14.50
C LYS B 155 8.73 -13.81 -15.39
N LYS B 156 8.16 -12.90 -16.18
CA LYS B 156 8.94 -12.05 -17.09
C LYS B 156 9.97 -11.21 -16.33
N LEU B 157 9.52 -10.57 -15.25
CA LEU B 157 10.38 -9.69 -14.47
C LEU B 157 11.32 -10.43 -13.52
N LYS B 158 11.11 -11.73 -13.37
CA LYS B 158 11.95 -12.55 -12.49
C LYS B 158 11.91 -12.04 -11.05
N VAL B 159 10.72 -11.76 -10.53
CA VAL B 159 10.62 -11.44 -9.12
C VAL B 159 10.96 -12.69 -8.31
N ASP B 160 11.18 -12.52 -7.01
CA ASP B 160 11.64 -13.62 -6.17
C ASP B 160 10.55 -14.61 -5.80
N ALA B 161 9.31 -14.13 -5.71
CA ALA B 161 8.18 -14.97 -5.33
C ALA B 161 6.88 -14.26 -5.65
N ILE B 162 5.77 -14.99 -5.60
CA ILE B 162 4.46 -14.37 -5.73
C ILE B 162 3.58 -14.71 -4.54
N VAL B 163 2.58 -13.87 -4.32
CA VAL B 163 1.57 -14.08 -3.29
C VAL B 163 0.27 -14.40 -4.01
N ALA B 164 -0.36 -15.50 -3.64
CA ALA B 164 -1.60 -15.92 -4.27
C ALA B 164 -2.38 -16.81 -3.30
N PRO B 165 -3.70 -16.92 -3.47
CA PRO B 165 -4.53 -17.67 -2.54
C PRO B 165 -4.50 -19.18 -2.72
N SER B 166 -4.93 -19.89 -1.67
CA SER B 166 -5.01 -21.34 -1.66
C SER B 166 -6.47 -21.82 -1.49
N THR B 167 -7.42 -20.94 -1.76
CA THR B 167 -8.84 -21.28 -1.65
C THR B 167 -9.28 -22.38 -2.62
N ARG B 168 -8.56 -22.52 -3.73
CA ARG B 168 -8.77 -23.63 -4.67
C ARG B 168 -7.43 -24.26 -5.05
N PRO B 169 -7.19 -25.50 -4.58
CA PRO B 169 -5.93 -26.19 -4.88
C PRO B 169 -5.66 -26.28 -6.38
N GLU B 170 -6.72 -26.57 -7.14
CA GLU B 170 -6.56 -26.68 -8.58
C GLU B 170 -6.10 -25.35 -9.18
N ARG B 171 -6.57 -24.25 -8.60
CA ARG B 171 -6.18 -22.93 -9.07
C ARG B 171 -4.74 -22.60 -8.67
N LEU B 172 -4.35 -23.00 -7.45
CA LEU B 172 -2.98 -22.82 -6.99
C LEU B 172 -2.00 -23.55 -7.92
N LYS B 173 -2.35 -24.76 -8.31
CA LYS B 173 -1.52 -25.51 -9.25
C LYS B 173 -1.35 -24.75 -10.58
N GLU B 174 -2.44 -24.15 -11.06
CA GLU B 174 -2.38 -23.40 -12.31
C GLU B 174 -1.46 -22.19 -12.18
N ILE B 175 -1.55 -21.50 -11.05
CA ILE B 175 -0.72 -20.35 -10.77
C ILE B 175 0.78 -20.72 -10.76
N LYS B 176 1.14 -21.77 -10.03
CA LYS B 176 2.53 -22.22 -9.98
C LYS B 176 3.05 -22.57 -11.36
N GLU B 177 2.18 -23.16 -12.18
CA GLU B 177 2.62 -23.64 -13.49
C GLU B 177 2.85 -22.51 -14.48
N ILE B 178 2.13 -21.40 -14.31
CA ILE B 178 2.37 -20.22 -15.15
C ILE B 178 3.57 -19.42 -14.65
N ALA B 179 3.60 -19.09 -13.37
CA ALA B 179 4.67 -18.26 -12.81
C ALA B 179 6.03 -18.99 -12.75
N GLU B 180 6.00 -20.27 -12.39
CA GLU B 180 7.23 -21.05 -12.17
C GLU B 180 8.16 -20.37 -11.16
N LEU B 181 7.55 -19.73 -10.17
CA LEU B 181 8.26 -19.03 -9.11
C LEU B 181 7.75 -19.54 -7.77
N PRO B 182 8.54 -19.34 -6.70
CA PRO B 182 8.03 -19.61 -5.35
C PRO B 182 6.71 -18.87 -5.08
N VAL B 183 5.81 -19.53 -4.37
CA VAL B 183 4.52 -18.97 -4.01
C VAL B 183 4.44 -18.88 -2.50
N ILE B 184 3.85 -17.78 -2.04
CA ILE B 184 3.54 -17.54 -0.64
C ILE B 184 2.00 -17.55 -0.54
N THR B 185 1.46 -18.48 0.23
CA THR B 185 0.02 -18.73 0.21
C THR B 185 -0.48 -19.18 1.60
N PRO B 186 -1.75 -18.92 1.92
CA PRO B 186 -2.17 -19.37 3.26
C PRO B 186 -2.14 -20.88 3.42
N GLY B 187 -1.68 -21.35 4.57
CA GLY B 187 -1.57 -22.78 4.82
C GLY B 187 -2.72 -23.30 5.64
N VAL B 188 -3.52 -22.37 6.17
CA VAL B 188 -4.69 -22.74 6.95
C VAL B 188 -5.89 -21.94 6.50
N GLY B 189 -7.08 -22.47 6.78
CA GLY B 189 -8.32 -21.82 6.43
C GLY B 189 -8.73 -20.79 7.47
N ALA B 190 -9.95 -20.28 7.32
CA ALA B 190 -10.45 -19.22 8.18
C ALA B 190 -10.56 -19.62 9.65
N GLN B 191 -10.63 -20.92 9.90
CA GLN B 191 -10.81 -21.42 11.26
C GLN B 191 -9.48 -21.84 11.88
N GLY B 192 -8.43 -21.83 11.07
CA GLY B 192 -7.10 -22.22 11.52
C GLY B 192 -6.79 -23.68 11.30
N GLY B 193 -7.61 -24.36 10.50
CA GLY B 193 -7.38 -25.78 10.23
C GLY B 193 -6.54 -25.95 8.98
N LYS B 194 -5.93 -27.11 8.84
CA LYS B 194 -5.13 -27.42 7.66
C LYS B 194 -5.92 -27.29 6.36
N ILE B 195 -5.27 -26.75 5.35
CA ILE B 195 -5.85 -26.74 4.01
C ILE B 195 -5.44 -28.01 3.29
N GLU B 196 -6.44 -28.76 2.83
CA GLU B 196 -6.15 -30.04 2.21
C GLU B 196 -5.66 -29.89 0.76
N ASP B 197 -4.83 -30.84 0.34
CA ASP B 197 -4.41 -30.98 -1.05
C ASP B 197 -3.60 -29.80 -1.61
N ILE B 198 -2.89 -29.09 -0.74
CA ILE B 198 -1.95 -28.08 -1.23
C ILE B 198 -0.49 -28.40 -0.93
N LEU B 199 -0.22 -29.16 0.13
CA LEU B 199 1.15 -29.48 0.49
C LEU B 199 1.86 -30.32 -0.56
N ASN B 200 1.10 -31.10 -1.33
CA ASN B 200 1.69 -31.88 -2.41
C ASN B 200 1.98 -31.06 -3.65
N ILE B 201 1.45 -29.84 -3.67
CA ILE B 201 1.65 -28.88 -4.76
C ILE B 201 2.87 -28.03 -4.46
N LEU B 202 3.12 -27.79 -3.19
CA LEU B 202 4.18 -26.89 -2.75
C LEU B 202 5.51 -27.62 -2.52
N ASP B 203 6.61 -26.88 -2.53
CA ASP B 203 7.91 -27.45 -2.18
C ASP B 203 8.67 -26.56 -1.20
N GLU B 204 9.94 -26.89 -1.00
CA GLU B 204 10.75 -26.26 0.05
C GLU B 204 11.08 -24.81 -0.25
N ASN B 205 10.80 -24.38 -1.47
CA ASN B 205 10.98 -22.96 -1.82
C ASN B 205 9.70 -22.14 -1.74
N ASP B 206 8.57 -22.81 -1.51
CA ASP B 206 7.31 -22.10 -1.25
C ASP B 206 7.16 -21.78 0.24
N TYR B 207 6.21 -20.91 0.56
CA TYR B 207 5.89 -20.59 1.95
C TYR B 207 4.40 -20.77 2.18
N VAL B 208 4.04 -21.30 3.34
CA VAL B 208 2.65 -21.23 3.78
C VAL B 208 2.55 -20.23 4.92
N ILE B 209 1.48 -19.45 4.88
CA ILE B 209 1.26 -18.40 5.88
C ILE B 209 0.29 -18.89 6.95
N VAL B 210 0.64 -18.63 8.20
CA VAL B 210 -0.28 -18.80 9.32
C VAL B 210 -0.25 -17.51 10.10
N GLY B 211 -1.43 -17.05 10.54
CA GLY B 211 -1.53 -15.78 11.22
C GLY B 211 -2.16 -15.90 12.61
N ARG B 212 -3.44 -15.56 12.68
CA ARG B 212 -4.14 -15.42 13.96
C ARG B 212 -4.12 -16.67 14.83
N ALA B 213 -4.06 -17.85 14.22
CA ALA B 213 -4.07 -19.09 14.99
C ALA B 213 -2.82 -19.20 15.85
N ILE B 214 -1.77 -18.49 15.45
CA ILE B 214 -0.58 -18.39 16.28
C ILE B 214 -0.61 -17.13 17.17
N TYR B 215 -0.74 -15.96 16.56
CA TYR B 215 -0.59 -14.72 17.33
C TYR B 215 -1.70 -14.43 18.34
N GLN B 216 -2.87 -15.04 18.19
CA GLN B 216 -3.95 -14.85 19.18
C GLN B 216 -3.87 -15.80 20.38
N SER B 217 -2.91 -16.72 20.36
CA SER B 217 -2.72 -17.67 21.46
C SER B 217 -1.91 -17.06 22.60
N GLN B 218 -2.14 -17.55 23.82
CA GLN B 218 -1.28 -17.20 24.95
C GLN B 218 0.01 -18.01 24.92
N ASN B 219 0.04 -19.03 24.06
CA ASN B 219 1.23 -19.87 23.92
C ASN B 219 1.60 -20.01 22.45
N PRO B 220 2.05 -18.90 21.86
CA PRO B 220 2.34 -18.92 20.43
C PRO B 220 3.42 -19.93 20.07
N LYS B 221 4.36 -20.23 20.97
CA LYS B 221 5.42 -21.21 20.67
C LYS B 221 4.83 -22.57 20.32
N GLU B 222 3.92 -23.05 21.16
CA GLU B 222 3.28 -24.34 20.93
C GLU B 222 2.46 -24.36 19.63
N GLU B 223 1.80 -23.25 19.32
CA GLU B 223 1.04 -23.15 18.08
C GLU B 223 1.97 -23.19 16.88
N ALA B 224 3.07 -22.43 16.93
CA ALA B 224 4.01 -22.41 15.82
C ALA B 224 4.59 -23.80 15.61
N LYS B 225 4.92 -24.47 16.72
CA LYS B 225 5.41 -25.84 16.66
C LYS B 225 4.40 -26.75 15.96
N LYS B 226 3.13 -26.61 16.34
CA LYS B 226 2.07 -27.42 15.74
C LYS B 226 1.95 -27.19 14.22
N TYR B 227 1.97 -25.92 13.81
CA TYR B 227 1.81 -25.61 12.40
C TYR B 227 3.05 -25.98 11.59
N LYS B 228 4.22 -25.92 12.21
CA LYS B 228 5.44 -26.37 11.54
C LYS B 228 5.39 -27.88 11.31
N GLU B 229 4.93 -28.61 12.32
CA GLU B 229 4.86 -30.07 12.23
C GLU B 229 3.75 -30.53 11.27
N MET B 230 2.75 -29.67 11.09
CA MET B 230 1.66 -29.90 10.14
C MET B 230 2.20 -30.09 8.73
N LEU B 231 3.33 -29.45 8.45
CA LEU B 231 3.95 -29.46 7.12
C LEU B 231 4.77 -30.74 6.93
N ASN B 232 4.55 -31.71 7.82
CA ASN B 232 5.27 -32.99 7.86
C ASN B 232 6.73 -32.84 8.28
#